data_7UXP
#
_entry.id   7UXP
#
_cell.length_a   83.310
_cell.length_b   85.889
_cell.length_c   86.859
_cell.angle_alpha   90.000
_cell.angle_beta   90.000
_cell.angle_gamma   90.000
#
_symmetry.space_group_name_H-M   'I 2 2 2'
#
loop_
_entity.id
_entity.type
_entity.pdbx_description
1 polymer 'Programmed cell death 1 ligand 1'
2 polymer FP28132
3 non-polymer 'AMINO GROUP'
4 non-polymer "N,N'-(1,4-phenylene)diacetamide"
5 water water
#
loop_
_entity_poly.entity_id
_entity_poly.type
_entity_poly.pdbx_seq_one_letter_code
_entity_poly.pdbx_strand_id
1 'polypeptide(L)'
;MAFTVTVPKDLYVVEYGSNMTIECKFPVEKQLDLAALIVYWEMEDKNIIQFVHGEEDLKVQHSSYRQRARLLKDQLSLGN
AALQITDVKLQDAGVYRCMISYGGADYKRITVKVNAPYAAALEHHHHHH
;
A,B
2 'polypeptide(L)' (ACE)DPALWQCVFAARSCYEE C,D
#
# COMPACT_ATOMS: atom_id res chain seq x y z
N ALA A 2 -17.48 14.28 -1.04
CA ALA A 2 -16.03 14.16 -0.94
C ALA A 2 -15.52 13.05 -1.84
N PHE A 3 -14.58 13.40 -2.72
CA PHE A 3 -13.94 12.47 -3.65
C PHE A 3 -13.71 11.11 -3.02
N THR A 4 -14.28 10.07 -3.62
CA THR A 4 -14.15 8.72 -3.12
C THR A 4 -13.98 7.78 -4.29
N VAL A 5 -13.01 6.91 -4.18
CA VAL A 5 -12.74 5.89 -5.18
C VAL A 5 -13.46 4.63 -4.75
N THR A 6 -14.09 3.95 -5.70
CA THR A 6 -14.79 2.69 -5.47
C THR A 6 -14.25 1.62 -6.41
N VAL A 7 -14.42 0.36 -6.04
CA VAL A 7 -14.02 -0.74 -6.92
C VAL A 7 -15.22 -1.65 -7.13
N PRO A 8 -15.48 -2.08 -8.36
CA PRO A 8 -16.56 -3.04 -8.57
C PRO A 8 -16.29 -4.37 -7.89
N LYS A 9 -15.06 -4.88 -8.01
CA LYS A 9 -14.65 -6.11 -7.36
C LYS A 9 -13.35 -5.86 -6.61
N ASP A 10 -13.30 -6.21 -5.33
CA ASP A 10 -12.08 -6.15 -4.54
C ASP A 10 -11.42 -7.52 -4.40
N LEU A 11 -12.03 -8.57 -4.94
CA LEU A 11 -11.39 -9.86 -5.14
C LEU A 11 -11.58 -10.21 -6.61
N TYR A 12 -10.50 -10.57 -7.27
CA TYR A 12 -10.51 -11.12 -8.61
C TYR A 12 -9.86 -12.49 -8.52
N VAL A 13 -10.55 -13.51 -9.02
CA VAL A 13 -9.99 -14.85 -9.14
C VAL A 13 -9.77 -15.08 -10.63
N VAL A 14 -8.53 -15.38 -11.00
CA VAL A 14 -8.19 -15.43 -12.41
C VAL A 14 -7.44 -16.70 -12.70
N GLU A 15 -7.47 -17.09 -13.95
CA GLU A 15 -6.72 -18.25 -14.36
C GLU A 15 -5.32 -17.84 -14.73
N TYR A 16 -4.37 -18.70 -14.44
CA TYR A 16 -3.00 -18.44 -14.82
C TYR A 16 -2.90 -18.41 -16.34
N GLY A 17 -2.17 -17.41 -16.86
CA GLY A 17 -1.94 -17.26 -18.28
C GLY A 17 -2.99 -16.47 -19.03
N SER A 18 -4.12 -16.17 -18.40
CA SER A 18 -5.17 -15.40 -19.03
C SER A 18 -4.90 -13.90 -18.86
N ASN A 19 -5.79 -13.07 -19.42
CA ASN A 19 -5.70 -11.64 -19.25
C ASN A 19 -6.63 -11.21 -18.13
N MET A 20 -6.32 -10.09 -17.48
CA MET A 20 -7.23 -9.56 -16.47
C MET A 20 -7.22 -8.04 -16.51
N THR A 21 -8.33 -7.48 -16.04
CA THR A 21 -8.47 -6.04 -15.94
C THR A 21 -9.16 -5.70 -14.63
N ILE A 22 -8.39 -5.18 -13.64
CA ILE A 22 -8.99 -4.69 -12.41
C ILE A 22 -9.32 -3.21 -12.57
N GLU A 23 -10.38 -2.78 -11.89
CA GLU A 23 -10.92 -1.45 -12.12
C GLU A 23 -11.08 -0.67 -10.83
N CYS A 24 -10.80 0.62 -10.92
CA CYS A 24 -11.09 1.59 -9.86
C CYS A 24 -11.91 2.72 -10.46
N LYS A 25 -13.08 2.95 -9.89
CA LYS A 25 -13.99 3.96 -10.41
C LYS A 25 -13.75 5.23 -9.60
N PHE A 26 -13.65 6.35 -10.33
CA PHE A 26 -13.43 7.67 -9.70
C PHE A 26 -14.44 8.62 -10.31
N PRO A 27 -14.98 9.58 -9.54
CA PRO A 27 -15.98 10.51 -10.05
C PRO A 27 -15.47 11.46 -11.14
N VAL A 28 -16.05 11.37 -12.34
CA VAL A 28 -15.69 12.34 -13.41
C VAL A 28 -17.01 13.00 -13.82
N GLU A 29 -16.98 14.28 -14.18
CA GLU A 29 -18.24 14.99 -14.47
C GLU A 29 -18.15 15.69 -15.82
N LYS A 30 -19.00 15.32 -16.78
CA LYS A 30 -18.99 15.85 -18.13
C LYS A 30 -17.73 15.61 -18.91
N GLN A 31 -16.64 16.29 -18.57
CA GLN A 31 -15.38 16.14 -19.34
C GLN A 31 -14.26 15.71 -18.42
N LEU A 32 -13.23 15.09 -18.99
CA LEU A 32 -12.05 14.70 -18.19
C LEU A 32 -10.96 15.75 -18.40
N ASP A 33 -10.33 16.18 -17.32
CA ASP A 33 -9.24 17.15 -17.41
C ASP A 33 -7.94 16.38 -17.20
N LEU A 34 -7.30 15.96 -18.30
CA LEU A 34 -6.03 15.26 -18.21
C LEU A 34 -5.03 16.00 -17.33
N ALA A 35 -5.01 17.33 -17.43
CA ALA A 35 -4.04 18.11 -16.69
C ALA A 35 -4.28 18.08 -15.19
N ALA A 36 -5.36 17.48 -14.72
CA ALA A 36 -5.68 17.41 -13.30
C ALA A 36 -5.70 16.00 -12.73
N LEU A 37 -5.49 14.96 -13.55
CA LEU A 37 -5.60 13.58 -13.10
C LEU A 37 -4.23 13.02 -12.76
N ILE A 38 -4.14 12.41 -11.59
CA ILE A 38 -3.01 11.59 -11.20
C ILE A 38 -3.55 10.20 -10.92
N VAL A 39 -3.00 9.19 -11.58
CA VAL A 39 -3.39 7.79 -11.37
C VAL A 39 -2.14 6.99 -11.07
N TYR A 40 -2.21 6.16 -10.01
CA TYR A 40 -1.13 5.29 -9.59
C TYR A 40 -1.64 3.85 -9.46
N TRP A 41 -0.86 2.87 -9.94
CA TRP A 41 -1.15 1.46 -9.72
C TRP A 41 0.07 0.78 -9.10
N GLU A 42 -0.16 -0.02 -8.06
CA GLU A 42 0.92 -0.75 -7.40
C GLU A 42 0.36 -2.06 -6.87
N MET A 43 1.25 -3.04 -6.71
CA MET A 43 0.89 -4.25 -5.99
C MET A 43 2.10 -4.64 -5.14
N GLU A 44 1.85 -4.93 -3.87
CA GLU A 44 2.90 -5.25 -2.90
C GLU A 44 4.03 -4.21 -2.91
N ASP A 45 5.24 -4.54 -3.35
CA ASP A 45 6.34 -3.58 -3.25
C ASP A 45 6.88 -3.15 -4.61
N LYS A 46 6.03 -3.21 -5.64
CA LYS A 46 6.40 -2.97 -7.02
C LYS A 46 5.62 -1.80 -7.61
N ASN A 47 6.31 -0.95 -8.35
CA ASN A 47 5.59 0.04 -9.14
C ASN A 47 4.99 -0.66 -10.37
N ILE A 48 3.76 -0.29 -10.72
CA ILE A 48 3.13 -0.77 -11.96
C ILE A 48 2.88 0.37 -12.93
N ILE A 49 2.11 1.39 -12.52
CA ILE A 49 1.76 2.52 -13.39
C ILE A 49 2.02 3.81 -12.63
N GLN A 50 2.65 4.78 -13.29
CA GLN A 50 2.70 6.17 -12.85
C GLN A 50 2.21 7.03 -14.01
N PHE A 51 1.13 7.77 -13.78
CA PHE A 51 0.46 8.56 -14.82
C PHE A 51 0.04 9.87 -14.13
N VAL A 52 0.80 10.94 -14.37
CA VAL A 52 0.66 12.17 -13.60
C VAL A 52 0.32 13.30 -14.56
N HIS A 53 -0.88 13.84 -14.41
CA HIS A 53 -1.37 14.92 -15.27
C HIS A 53 -1.10 14.59 -16.73
N GLY A 54 -1.53 13.41 -17.15
CA GLY A 54 -1.41 13.06 -18.54
C GLY A 54 -0.08 12.52 -19.01
N GLU A 55 0.95 12.52 -18.16
CA GLU A 55 2.26 12.00 -18.51
C GLU A 55 2.47 10.66 -17.80
N GLU A 56 2.81 9.61 -18.56
CA GLU A 56 3.10 8.31 -17.99
C GLU A 56 4.61 8.11 -18.02
N ASP A 57 5.19 7.81 -16.87
CA ASP A 57 6.62 7.54 -16.78
C ASP A 57 6.81 6.03 -16.79
N LEU A 58 7.38 5.52 -17.85
CA LEU A 58 7.66 4.10 -17.92
C LEU A 58 8.94 3.69 -17.23
N LYS A 59 9.82 4.63 -16.85
CA LYS A 59 11.05 4.21 -16.20
C LYS A 59 10.77 3.66 -14.81
N VAL A 60 9.74 4.16 -14.13
CA VAL A 60 9.50 3.76 -12.75
C VAL A 60 8.81 2.40 -12.62
N GLN A 61 8.29 1.86 -13.73
CA GLN A 61 7.54 0.60 -13.70
C GLN A 61 8.44 -0.61 -13.38
N HIS A 62 7.97 -1.48 -12.47
CA HIS A 62 8.73 -2.67 -12.07
C HIS A 62 8.95 -3.60 -13.26
N SER A 63 10.13 -4.23 -13.27
CA SER A 63 10.57 -5.02 -14.43
C SER A 63 9.67 -6.22 -14.69
N SER A 64 9.08 -6.80 -13.64
CA SER A 64 8.24 -7.96 -13.87
C SER A 64 6.90 -7.59 -14.51
N TYR A 65 6.61 -6.30 -14.67
CA TYR A 65 5.37 -5.85 -15.29
C TYR A 65 5.62 -5.14 -16.61
N ARG A 66 6.87 -4.95 -16.99
CA ARG A 66 7.13 -4.28 -18.24
C ARG A 66 6.78 -5.26 -19.35
N GLN A 67 6.05 -4.77 -20.34
CA GLN A 67 5.48 -5.46 -21.52
C GLN A 67 4.22 -6.28 -21.20
N ARG A 68 3.69 -6.21 -19.99
CA ARG A 68 2.48 -6.97 -19.65
C ARG A 68 1.46 -6.06 -19.00
N ALA A 69 1.95 -5.04 -18.32
CA ALA A 69 1.12 -4.17 -17.52
C ALA A 69 0.70 -3.00 -18.37
N ARG A 70 -0.54 -2.62 -18.25
CA ARG A 70 -1.11 -1.72 -19.24
C ARG A 70 -2.29 -0.97 -18.60
N LEU A 71 -2.29 0.35 -18.69
CA LEU A 71 -3.42 1.18 -18.24
C LEU A 71 -4.25 1.67 -19.42
N LEU A 72 -5.53 1.29 -19.45
CA LEU A 72 -6.40 1.58 -20.61
C LEU A 72 -6.95 3.00 -20.52
N LYS A 73 -6.24 3.93 -21.16
CA LYS A 73 -6.57 5.34 -21.00
C LYS A 73 -7.89 5.74 -21.61
N ASP A 74 -8.44 4.92 -22.52
CA ASP A 74 -9.78 5.17 -23.05
C ASP A 74 -10.80 5.24 -21.92
N GLN A 75 -10.75 4.28 -21.00
CA GLN A 75 -11.67 4.24 -19.89
C GLN A 75 -11.55 5.42 -18.96
N LEU A 76 -10.45 6.17 -19.04
CA LEU A 76 -10.26 7.25 -18.08
C LEU A 76 -11.29 8.34 -18.28
N SER A 77 -11.66 8.58 -19.51
CA SER A 77 -12.67 9.57 -19.81
C SER A 77 -13.98 9.19 -19.15
N LEU A 78 -14.14 7.91 -18.87
CA LEU A 78 -15.36 7.40 -18.28
C LEU A 78 -15.33 7.28 -16.78
N GLY A 79 -14.22 7.65 -16.17
CA GLY A 79 -14.10 7.56 -14.74
C GLY A 79 -13.70 6.19 -14.29
N ASN A 80 -12.94 5.50 -15.10
CA ASN A 80 -12.54 4.16 -14.71
C ASN A 80 -11.03 4.02 -14.85
N ALA A 81 -10.36 3.75 -13.73
CA ALA A 81 -8.94 3.41 -13.72
C ALA A 81 -8.86 1.90 -13.96
N ALA A 82 -8.41 1.52 -15.15
CA ALA A 82 -8.47 0.13 -15.60
C ALA A 82 -7.07 -0.44 -15.84
N LEU A 83 -6.63 -1.34 -14.97
CA LEU A 83 -5.31 -1.94 -15.12
C LEU A 83 -5.43 -3.26 -15.88
N GLN A 84 -4.70 -3.38 -17.00
CA GLN A 84 -4.70 -4.59 -17.80
C GLN A 84 -3.33 -5.25 -17.74
N ILE A 85 -3.31 -6.48 -17.25
CA ILE A 85 -2.11 -7.32 -17.23
C ILE A 85 -2.33 -8.47 -18.19
N THR A 86 -1.51 -8.56 -19.22
CA THR A 86 -1.57 -9.65 -20.17
C THR A 86 -0.74 -10.85 -19.72
N ASP A 87 -1.30 -12.05 -19.90
CA ASP A 87 -0.62 -13.32 -19.61
C ASP A 87 -0.12 -13.33 -18.16
N VAL A 88 -1.09 -13.40 -17.24
CA VAL A 88 -0.79 -13.29 -15.82
C VAL A 88 0.00 -14.49 -15.33
N LYS A 89 0.84 -14.26 -14.34
CA LYS A 89 1.66 -15.31 -13.78
C LYS A 89 1.20 -15.57 -12.36
N LEU A 90 1.84 -16.53 -11.71
CA LEU A 90 1.47 -16.77 -10.33
C LEU A 90 1.88 -15.60 -9.45
N GLN A 91 3.04 -15.01 -9.75
CA GLN A 91 3.54 -13.86 -9.01
C GLN A 91 2.60 -12.67 -9.05
N ASP A 92 1.64 -12.66 -9.98
CA ASP A 92 0.68 -11.59 -10.09
C ASP A 92 -0.39 -11.68 -9.03
N ALA A 93 -0.36 -12.70 -8.19
CA ALA A 93 -1.31 -12.77 -7.09
C ALA A 93 -0.83 -11.86 -5.96
N GLY A 94 -1.78 -11.17 -5.34
CA GLY A 94 -1.47 -10.37 -4.18
C GLY A 94 -2.41 -9.19 -4.05
N VAL A 95 -2.02 -8.26 -3.20
CA VAL A 95 -2.81 -7.06 -2.95
C VAL A 95 -2.36 -5.97 -3.90
N TYR A 96 -3.29 -5.47 -4.69
CA TYR A 96 -3.12 -4.33 -5.59
C TYR A 96 -3.74 -3.09 -4.97
N ARG A 97 -3.25 -1.93 -5.42
CA ARG A 97 -3.74 -0.64 -4.95
C ARG A 97 -3.74 0.36 -6.09
N CYS A 98 -4.88 1.00 -6.34
CA CYS A 98 -4.92 2.15 -7.21
C CYS A 98 -5.01 3.41 -6.35
N MET A 99 -4.37 4.49 -6.83
CA MET A 99 -4.36 5.80 -6.20
C MET A 99 -4.73 6.83 -7.26
N ILE A 100 -5.84 7.54 -7.04
CA ILE A 100 -6.29 8.54 -8.01
C ILE A 100 -6.32 9.90 -7.32
N SER A 101 -5.92 10.93 -8.05
CA SER A 101 -6.11 12.30 -7.64
C SER A 101 -6.85 13.00 -8.77
N TYR A 102 -7.98 13.59 -8.44
CA TYR A 102 -8.75 14.33 -9.41
C TYR A 102 -9.54 15.38 -8.64
N GLY A 103 -8.87 16.44 -8.23
CA GLY A 103 -9.43 17.28 -7.18
C GLY A 103 -9.00 16.69 -5.85
N GLY A 104 -9.87 15.92 -5.22
CA GLY A 104 -9.51 15.19 -4.02
C GLY A 104 -8.66 13.95 -4.30
N ALA A 105 -8.46 13.14 -3.26
CA ALA A 105 -7.57 11.98 -3.39
C ALA A 105 -8.01 10.84 -2.48
N ASP A 106 -8.05 9.63 -3.04
CA ASP A 106 -8.45 8.44 -2.30
C ASP A 106 -7.84 7.23 -3.01
N TYR A 107 -7.89 6.10 -2.33
CA TYR A 107 -7.35 4.86 -2.87
C TYR A 107 -8.24 3.71 -2.44
N LYS A 108 -8.13 2.58 -3.16
CA LYS A 108 -8.79 1.37 -2.72
C LYS A 108 -7.88 0.17 -3.02
N ARG A 109 -8.19 -0.96 -2.41
CA ARG A 109 -7.36 -2.15 -2.53
C ARG A 109 -8.16 -3.29 -3.17
N ILE A 110 -7.45 -4.10 -3.98
CA ILE A 110 -8.07 -5.21 -4.70
C ILE A 110 -7.17 -6.42 -4.51
N THR A 111 -7.75 -7.54 -4.11
CA THR A 111 -7.02 -8.78 -4.00
C THR A 111 -7.18 -9.53 -5.30
N VAL A 112 -6.08 -10.03 -5.83
CA VAL A 112 -6.04 -10.78 -7.06
C VAL A 112 -5.50 -12.17 -6.76
N LYS A 113 -6.27 -13.21 -7.06
CA LYS A 113 -5.85 -14.58 -6.85
C LYS A 113 -5.77 -15.31 -8.18
N VAL A 114 -4.76 -16.17 -8.33
CA VAL A 114 -4.40 -16.77 -9.61
C VAL A 114 -4.38 -18.29 -9.44
N ASN A 115 -5.23 -18.97 -10.21
CA ASN A 115 -5.34 -20.43 -10.09
C ASN A 115 -4.31 -21.14 -10.97
N VAL B 5 5.51 -15.70 7.46
CA VAL B 5 4.92 -14.90 8.52
C VAL B 5 3.43 -15.11 8.54
N THR B 6 2.85 -15.27 9.73
CA THR B 6 1.43 -15.51 9.88
C THR B 6 0.78 -14.51 10.80
N VAL B 7 -0.53 -14.37 10.64
CA VAL B 7 -1.39 -13.51 11.45
C VAL B 7 -2.56 -14.32 11.99
N PRO B 8 -2.81 -14.28 13.30
CA PRO B 8 -4.01 -14.92 13.83
C PRO B 8 -5.30 -14.19 13.44
N LYS B 9 -5.33 -12.86 13.56
CA LYS B 9 -6.47 -12.03 13.14
C LYS B 9 -5.94 -10.93 12.23
N ASP B 10 -6.45 -10.84 11.03
CA ASP B 10 -6.24 -9.65 10.22
C ASP B 10 -7.44 -8.75 10.19
N LEU B 11 -8.44 -9.00 11.01
CA LEU B 11 -9.47 -8.02 11.27
C LEU B 11 -9.43 -7.75 12.76
N TYR B 12 -9.19 -6.50 13.12
CA TYR B 12 -9.30 -6.04 14.50
C TYR B 12 -10.33 -4.92 14.52
N VAL B 13 -11.35 -5.08 15.37
CA VAL B 13 -12.36 -4.07 15.61
C VAL B 13 -12.15 -3.52 17.02
N VAL B 14 -11.91 -2.22 17.12
CA VAL B 14 -11.52 -1.60 18.37
C VAL B 14 -12.33 -0.34 18.58
N GLU B 15 -12.54 0.02 19.84
CA GLU B 15 -13.24 1.23 20.21
C GLU B 15 -12.27 2.40 20.35
N TYR B 16 -12.79 3.61 20.08
CA TYR B 16 -11.98 4.82 20.20
C TYR B 16 -11.48 5.00 21.64
N GLY B 17 -10.19 5.31 21.76
CA GLY B 17 -9.59 5.54 23.05
C GLY B 17 -9.03 4.32 23.73
N SER B 18 -9.30 3.13 23.20
CA SER B 18 -8.81 1.89 23.80
C SER B 18 -7.39 1.59 23.32
N ASN B 19 -6.84 0.50 23.82
CA ASN B 19 -5.53 0.02 23.39
C ASN B 19 -5.71 -1.14 22.41
N MET B 20 -4.68 -1.40 21.60
CA MET B 20 -4.70 -2.57 20.75
C MET B 20 -3.30 -3.09 20.52
N THR B 21 -3.22 -4.40 20.25
CA THR B 21 -1.99 -5.08 19.89
C THR B 21 -2.28 -6.03 18.75
N ILE B 22 -1.86 -5.69 17.58
CA ILE B 22 -1.94 -6.59 16.45
C ILE B 22 -0.68 -7.44 16.45
N GLU B 23 -0.81 -8.66 15.95
CA GLU B 23 0.26 -9.63 16.07
C GLU B 23 0.67 -10.21 14.74
N CYS B 24 1.98 -10.39 14.57
CA CYS B 24 2.58 -11.08 13.44
C CYS B 24 3.53 -12.15 13.96
N LYS B 25 3.30 -13.40 13.57
CA LYS B 25 4.08 -14.52 14.08
C LYS B 25 5.12 -14.96 13.04
N PHE B 26 6.35 -15.16 13.51
CA PHE B 26 7.44 -15.69 12.68
C PHE B 26 8.28 -16.75 13.43
N ILE B 38 15.32 -8.43 11.16
CA ILE B 38 14.70 -7.16 10.78
C ILE B 38 13.16 -7.18 10.82
N VAL B 39 12.56 -6.24 11.55
CA VAL B 39 11.12 -6.09 11.71
C VAL B 39 10.66 -4.69 11.30
N TYR B 40 9.61 -4.63 10.47
CA TYR B 40 9.02 -3.39 10.01
C TYR B 40 7.53 -3.39 10.32
N TRP B 41 7.00 -2.23 10.69
CA TRP B 41 5.56 -2.03 10.79
C TRP B 41 5.15 -0.79 10.00
N GLU B 42 4.08 -0.90 9.22
CA GLU B 42 3.60 0.25 8.47
C GLU B 42 2.09 0.17 8.37
N MET B 43 1.43 1.31 8.18
CA MET B 43 0.01 1.31 7.85
C MET B 43 -0.33 2.41 6.84
N GLU B 44 -1.09 2.05 5.82
CA GLU B 44 -1.43 2.96 4.74
C GLU B 44 -0.15 3.50 4.10
N ASP B 45 0.13 4.78 4.28
CA ASP B 45 1.35 5.38 3.74
C ASP B 45 2.24 5.94 4.84
N LYS B 46 2.16 5.36 6.05
CA LYS B 46 2.85 5.89 7.22
C LYS B 46 3.88 4.90 7.77
N ASN B 47 5.08 5.41 8.11
CA ASN B 47 6.05 4.56 8.82
C ASN B 47 5.59 4.36 10.26
N ILE B 48 5.68 3.13 10.75
CA ILE B 48 5.30 2.91 12.15
C ILE B 48 6.50 2.46 12.95
N ILE B 49 7.08 1.31 12.57
CA ILE B 49 8.20 0.71 13.28
C ILE B 49 9.26 0.31 12.26
N GLN B 50 10.50 0.75 12.49
CA GLN B 50 11.68 0.27 11.80
C GLN B 50 12.66 -0.18 12.85
N PHE B 51 13.03 -1.46 12.81
CA PHE B 51 13.82 -2.13 13.86
C PHE B 51 14.78 -3.10 13.16
N VAL B 52 16.05 -2.75 13.11
CA VAL B 52 17.04 -3.55 12.37
C VAL B 52 18.13 -3.98 13.32
N HIS B 53 18.23 -5.29 13.54
CA HIS B 53 19.28 -5.91 14.37
C HIS B 53 19.44 -5.15 15.68
N GLY B 54 18.33 -5.03 16.40
CA GLY B 54 18.34 -4.46 17.72
C GLY B 54 18.34 -2.95 17.78
N GLU B 55 18.56 -2.26 16.67
CA GLU B 55 18.50 -0.81 16.69
C GLU B 55 17.17 -0.39 16.08
N GLU B 56 16.40 0.39 16.83
CA GLU B 56 15.11 0.90 16.39
C GLU B 56 15.29 2.34 15.96
N ASP B 57 14.79 2.69 14.78
CA ASP B 57 14.86 4.06 14.28
C ASP B 57 13.53 4.72 14.60
N LEU B 58 13.55 5.64 15.57
CA LEU B 58 12.36 6.40 15.90
C LEU B 58 12.28 7.69 15.09
N LYS B 59 13.34 8.01 14.33
CA LYS B 59 13.30 9.20 13.51
C LYS B 59 12.37 9.01 12.33
N VAL B 60 12.27 7.78 11.83
CA VAL B 60 11.50 7.51 10.63
C VAL B 60 10.01 7.36 10.88
N GLN B 61 9.61 7.21 12.16
CA GLN B 61 8.22 6.96 12.50
C GLN B 61 7.34 8.15 12.13
N HIS B 62 6.18 7.86 11.53
CA HIS B 62 5.29 8.93 11.15
C HIS B 62 4.90 9.72 12.38
N SER B 63 4.67 11.00 12.19
CA SER B 63 4.46 11.87 13.31
C SER B 63 3.24 11.43 14.13
N SER B 64 2.25 10.83 13.49
CA SER B 64 0.99 10.47 14.18
C SER B 64 1.17 9.32 15.19
N TYR B 65 2.22 8.53 15.03
CA TYR B 65 2.35 7.33 15.89
C TYR B 65 3.44 7.51 16.94
N ARG B 66 3.84 8.75 17.20
CA ARG B 66 4.96 8.97 18.14
C ARG B 66 4.47 8.91 19.59
N GLN B 67 5.14 8.13 20.43
CA GLN B 67 4.77 7.96 21.86
C GLN B 67 3.40 7.27 22.00
N ARG B 68 3.04 6.43 21.03
CA ARG B 68 1.77 5.68 21.10
C ARG B 68 2.03 4.31 20.48
N ALA B 69 2.99 4.23 19.57
CA ALA B 69 3.33 3.00 18.89
C ALA B 69 4.61 2.42 19.48
N ARG B 70 4.60 1.11 19.66
CA ARG B 70 5.67 0.40 20.35
C ARG B 70 5.66 -1.03 19.84
N LEU B 71 6.84 -1.52 19.47
CA LEU B 71 7.01 -2.92 19.13
C LEU B 71 7.42 -3.63 20.41
N LEU B 72 6.70 -4.70 20.76
CA LEU B 72 6.92 -5.40 22.01
C LEU B 72 8.08 -6.40 21.85
N LYS B 73 9.29 -5.93 22.10
CA LYS B 73 10.42 -6.83 21.95
C LYS B 73 10.47 -7.87 23.05
N ASP B 74 9.77 -7.66 24.16
CA ASP B 74 9.64 -8.73 25.14
C ASP B 74 9.06 -9.97 24.46
N GLN B 75 7.95 -9.81 23.75
CA GLN B 75 7.36 -10.89 22.98
C GLN B 75 8.21 -11.27 21.78
N LEU B 76 9.18 -10.44 21.39
CA LEU B 76 9.95 -10.73 20.20
C LEU B 76 10.78 -11.99 20.39
N SER B 77 11.36 -12.17 21.58
CA SER B 77 12.06 -13.41 21.89
C SER B 77 11.15 -14.62 21.71
N LEU B 78 9.84 -14.45 21.94
CA LEU B 78 8.91 -15.57 21.79
C LEU B 78 8.62 -15.89 20.32
N GLY B 79 9.00 -15.00 19.39
CA GLY B 79 8.69 -15.19 17.99
C GLY B 79 7.48 -14.42 17.49
N ASN B 80 7.11 -13.34 18.17
CA ASN B 80 5.88 -12.62 17.92
C ASN B 80 6.22 -11.14 17.79
N ALA B 81 5.96 -10.56 16.61
CA ALA B 81 6.13 -9.12 16.38
C ALA B 81 4.83 -8.45 16.81
N ALA B 82 4.87 -7.76 17.94
CA ALA B 82 3.66 -7.26 18.56
C ALA B 82 3.70 -5.76 18.47
N LEU B 83 2.86 -5.21 17.62
CA LEU B 83 2.75 -3.77 17.46
C LEU B 83 1.65 -3.31 18.41
N GLN B 84 2.02 -2.39 19.30
CA GLN B 84 1.11 -1.89 20.31
C GLN B 84 0.78 -0.43 20.01
N ILE B 85 -0.49 -0.15 19.74
CA ILE B 85 -0.97 1.20 19.56
C ILE B 85 -1.82 1.54 20.77
N THR B 86 -1.33 2.46 21.57
CA THR B 86 -2.07 2.98 22.71
C THR B 86 -2.97 4.10 22.23
N ASP B 87 -4.16 4.18 22.81
CA ASP B 87 -5.09 5.29 22.58
C ASP B 87 -5.46 5.41 21.10
N VAL B 88 -6.19 4.42 20.61
CA VAL B 88 -6.49 4.38 19.18
C VAL B 88 -7.44 5.52 18.81
N LYS B 89 -7.27 6.05 17.61
CA LYS B 89 -8.06 7.13 17.05
C LYS B 89 -8.73 6.63 15.79
N LEU B 90 -9.44 7.53 15.12
CA LEU B 90 -9.96 7.17 13.81
C LEU B 90 -8.84 7.03 12.80
N GLN B 91 -7.85 7.92 12.87
CA GLN B 91 -6.71 7.87 11.94
C GLN B 91 -6.00 6.53 12.01
N ASP B 92 -6.14 5.82 13.14
CA ASP B 92 -5.47 4.55 13.32
C ASP B 92 -6.22 3.39 12.65
N ALA B 93 -7.40 3.64 12.10
CA ALA B 93 -8.06 2.61 11.32
C ALA B 93 -7.48 2.55 9.92
N GLY B 94 -7.33 1.34 9.40
CA GLY B 94 -6.85 1.13 8.06
C GLY B 94 -6.16 -0.22 7.94
N VAL B 95 -5.43 -0.37 6.84
CA VAL B 95 -4.69 -1.60 6.55
C VAL B 95 -3.27 -1.50 7.09
N TYR B 96 -2.91 -2.43 7.99
CA TYR B 96 -1.59 -2.49 8.57
C TYR B 96 -0.74 -3.55 7.86
N ARG B 97 0.57 -3.39 7.97
CA ARG B 97 1.51 -4.31 7.35
C ARG B 97 2.74 -4.51 8.20
N CYS B 98 3.03 -5.76 8.52
CA CYS B 98 4.28 -6.16 9.15
C CYS B 98 5.21 -6.77 8.11
N MET B 99 6.50 -6.53 8.27
CA MET B 99 7.52 -7.01 7.34
C MET B 99 8.64 -7.61 8.19
N ILE B 100 8.92 -8.90 8.00
CA ILE B 100 9.93 -9.59 8.82
C ILE B 100 11.07 -10.12 7.95
N SER B 101 12.29 -10.01 8.46
CA SER B 101 13.46 -10.64 7.86
C SER B 101 14.24 -11.43 8.90
N ALA B 105 12.48 -13.93 4.48
CA ALA B 105 11.64 -12.75 4.64
C ALA B 105 10.27 -12.90 3.95
N ASP B 106 9.20 -12.47 4.64
CA ASP B 106 7.83 -12.53 4.14
C ASP B 106 7.02 -11.46 4.88
N TYR B 107 5.77 -11.25 4.44
CA TYR B 107 4.92 -10.27 5.09
C TYR B 107 3.47 -10.73 5.10
N LYS B 108 2.69 -10.12 6.01
CA LYS B 108 1.25 -10.25 6.04
C LYS B 108 0.62 -8.91 6.44
N ARG B 109 -0.68 -8.78 6.17
CA ARG B 109 -1.46 -7.55 6.36
C ARG B 109 -2.61 -7.74 7.34
N ILE B 110 -3.01 -6.63 7.99
CA ILE B 110 -4.08 -6.60 9.00
C ILE B 110 -4.99 -5.40 8.73
N THR B 111 -6.31 -5.60 8.79
CA THR B 111 -7.26 -4.49 8.74
C THR B 111 -7.64 -4.04 10.14
N VAL B 112 -7.60 -2.74 10.37
CA VAL B 112 -7.97 -2.17 11.66
C VAL B 112 -9.18 -1.28 11.43
N LYS B 113 -10.27 -1.58 12.14
CA LYS B 113 -11.48 -0.77 12.06
C LYS B 113 -11.79 -0.20 13.45
N VAL B 114 -12.29 1.03 13.48
CA VAL B 114 -12.35 1.81 14.71
C VAL B 114 -13.77 2.32 14.93
N ASN B 115 -14.40 1.90 16.04
CA ASN B 115 -15.78 2.24 16.39
C ASN B 115 -15.85 3.54 17.22
N ALA B 116 -17.05 4.14 17.24
CA ALA B 116 -17.31 5.30 18.10
C ALA B 116 -18.76 5.35 18.56
N ASP C 2 -2.20 11.28 -0.39
CA ASP C 2 -1.42 12.38 -0.85
C ASP C 2 -0.68 12.02 -2.11
N PRO C 3 -1.07 12.60 -3.23
CA PRO C 3 -0.36 12.32 -4.48
C PRO C 3 1.11 12.67 -4.43
N ALA C 4 1.52 13.65 -3.62
CA ALA C 4 2.93 13.98 -3.56
C ALA C 4 3.70 12.87 -2.86
N LEU C 5 3.09 12.30 -1.82
CA LEU C 5 3.69 11.17 -1.14
C LEU C 5 3.81 9.98 -2.07
N TRP C 6 2.80 9.74 -2.93
CA TRP C 6 2.84 8.63 -3.88
C TRP C 6 4.01 8.77 -4.86
N GLN C 7 4.28 10.00 -5.33
CA GLN C 7 5.41 10.20 -6.24
C GLN C 7 6.73 9.82 -5.59
N CYS C 8 6.91 10.21 -4.31
CA CYS C 8 8.16 9.93 -3.59
C CYS C 8 8.39 8.43 -3.43
N VAL C 9 7.33 7.64 -3.17
CA VAL C 9 7.52 6.21 -2.97
C VAL C 9 7.84 5.51 -4.28
N PHE C 10 7.17 5.88 -5.37
CA PHE C 10 7.49 5.31 -6.68
C PHE C 10 8.90 5.66 -7.09
N ALA C 11 9.36 6.89 -6.80
CA ALA C 11 10.72 7.30 -7.12
C ALA C 11 11.75 6.49 -6.33
N ALA C 12 11.53 6.34 -5.02
CA ALA C 12 12.44 5.57 -4.18
C ALA C 12 12.50 4.11 -4.62
N ARG C 13 11.34 3.50 -4.84
CA ARG C 13 11.31 2.08 -5.16
C ARG C 13 11.90 1.81 -6.53
N SER C 14 11.59 2.66 -7.52
CA SER C 14 12.20 2.51 -8.82
C SER C 14 13.72 2.65 -8.74
N CYS C 15 14.21 3.70 -8.04
CA CYS C 15 15.65 3.90 -7.85
C CYS C 15 16.28 2.68 -7.23
N TYR C 16 15.56 1.99 -6.35
CA TYR C 16 16.14 0.80 -5.68
C TYR C 16 16.26 -0.34 -6.68
N GLU C 17 15.25 -0.52 -7.53
CA GLU C 17 15.26 -1.65 -8.50
C GLU C 17 16.34 -1.42 -9.55
N GLU C 18 16.69 -0.16 -9.77
CA GLU C 18 17.73 0.17 -10.77
C GLU C 18 19.11 0.08 -10.11
N ASP D 2 11.85 -8.22 0.52
CA ASP D 2 13.14 -7.52 0.51
C ASP D 2 13.27 -6.49 1.63
N PRO D 3 14.10 -6.78 2.63
CA PRO D 3 14.33 -5.80 3.70
C PRO D 3 15.02 -4.54 3.22
N ALA D 4 15.77 -4.60 2.11
CA ALA D 4 16.44 -3.40 1.59
C ALA D 4 15.44 -2.43 0.96
N LEU D 5 14.47 -2.97 0.22
CA LEU D 5 13.42 -2.16 -0.35
C LEU D 5 12.60 -1.45 0.75
N TRP D 6 12.31 -2.16 1.85
CA TRP D 6 11.55 -1.59 2.97
C TRP D 6 12.29 -0.41 3.58
N GLN D 7 13.62 -0.50 3.66
CA GLN D 7 14.42 0.58 4.21
C GLN D 7 14.32 1.84 3.36
N CYS D 8 14.34 1.69 2.02
CA CYS D 8 14.24 2.85 1.13
C CYS D 8 12.92 3.59 1.27
N VAL D 9 11.81 2.85 1.39
CA VAL D 9 10.49 3.49 1.42
C VAL D 9 10.29 4.23 2.73
N PHE D 10 10.72 3.62 3.83
CA PHE D 10 10.65 4.31 5.09
C PHE D 10 11.53 5.53 5.04
N ALA D 11 12.68 5.41 4.39
CA ALA D 11 13.56 6.55 4.23
C ALA D 11 12.88 7.60 3.36
N ALA D 12 12.27 7.20 2.26
CA ALA D 12 11.56 8.16 1.43
C ALA D 12 10.37 8.79 2.16
N ARG D 13 9.57 7.97 2.83
CA ARG D 13 8.33 8.47 3.43
C ARG D 13 8.60 9.34 4.63
N SER D 14 9.50 8.90 5.51
CA SER D 14 9.87 9.75 6.63
C SER D 14 10.50 11.03 6.11
N CYS D 15 11.30 10.89 5.05
CA CYS D 15 11.89 12.04 4.37
C CYS D 15 10.85 13.07 3.97
N TYR D 16 9.72 12.62 3.48
CA TYR D 16 8.66 13.51 3.03
C TYR D 16 7.86 14.08 4.19
N GLU D 17 7.72 13.35 5.30
CA GLU D 17 7.05 13.91 6.46
C GLU D 17 7.85 15.07 7.05
N GLU D 18 9.19 15.01 7.01
CA GLU D 18 10.01 16.11 7.51
C GLU D 18 10.57 16.91 6.34
#